data_5UZH
#
_entry.id   5UZH
#
_cell.length_a   92.730
_cell.length_b   92.730
_cell.length_c   94.660
_cell.angle_alpha   90.000
_cell.angle_beta   90.000
_cell.angle_gamma   90.000
#
_symmetry.space_group_name_H-M   'P 42 21 2'
#
loop_
_entity.id
_entity.type
_entity.pdbx_description
1 polymer NafoA.00085.b
2 non-polymer "GUANOSINE-5'-DIPHOSPHATE"
3 non-polymer 'NADP NICOTINAMIDE-ADENINE-DINUCLEOTIDE PHOSPHATE'
4 non-polymer (4S)-2-METHYL-2,4-PENTANEDIOL
5 non-polymer 'CHLORIDE ION'
6 water water
#
_entity_poly.entity_id   1
_entity_poly.type   'polypeptide(L)'
_entity_poly.pdbx_seq_one_letter_code
;SKVALITGITGQDGSYLAEFLLEKGYMVYGIIRRSSSFNTGRVEHLYKDIHITKAKFKLLYGDLTDTGNLISIIAKIKPD
EIYNLAAQSHVKVSFEMPEYTANVDGIGTLRLLEAIRACGLEKKTKFYQASTSELYGLVQEVPQKETTPFYPRSPYACAK
LYSYWIVVNYREAYNMFALNGILFNHESIRRGPTFVTRKITMAVARIKLGLQDCLYLGNLDAERDWGHAKDYVEAMWLML
QQEQPRDFCVATGEKHSVREFVEKAFACIGQTVEWKGERGTVEEHGVVDGVVRVRVDPRYFRPTEVDQLLGDPTLAETVL
GWKRKVSFEELVRGMVEGDIELLQS
;
_entity_poly.pdbx_strand_id   A
#
# COMPACT_ATOMS: atom_id res chain seq x y z
N SER A 1 20.52 5.47 19.32
CA SER A 1 19.58 5.54 18.19
C SER A 1 18.75 4.26 18.07
N LYS A 2 17.46 4.44 17.81
CA LYS A 2 16.56 3.31 17.66
C LYS A 2 16.86 2.54 16.38
N VAL A 3 16.50 1.26 16.39
CA VAL A 3 16.68 0.36 15.26
C VAL A 3 15.30 -0.02 14.74
N ALA A 4 15.04 0.26 13.47
CA ALA A 4 13.83 -0.13 12.78
C ALA A 4 14.16 -1.21 11.77
N LEU A 5 13.28 -2.21 11.67
CA LEU A 5 13.34 -3.22 10.61
C LEU A 5 12.09 -3.08 9.75
N ILE A 6 12.28 -2.94 8.45
CA ILE A 6 11.18 -2.80 7.49
C ILE A 6 11.19 -4.00 6.55
N THR A 7 10.16 -4.84 6.63
CA THR A 7 9.91 -5.79 5.55
C THR A 7 9.16 -5.10 4.44
N GLY A 8 9.40 -5.54 3.21
CA GLY A 8 8.79 -4.86 2.08
C GLY A 8 9.36 -3.49 1.83
N ILE A 9 10.62 -3.26 2.19
CA ILE A 9 11.20 -1.94 2.06
C ILE A 9 11.32 -1.50 0.61
N THR A 10 11.41 -2.44 -0.35
CA THR A 10 11.50 -2.05 -1.75
C THR A 10 10.16 -1.63 -2.36
N GLY A 11 9.05 -1.80 -1.65
CA GLY A 11 7.75 -1.43 -2.17
C GLY A 11 7.46 0.06 -2.00
N GLN A 12 6.27 0.47 -2.45
CA GLN A 12 5.87 1.88 -2.37
C GLN A 12 6.01 2.41 -0.94
N ASP A 13 5.26 1.83 0.01
CA ASP A 13 5.27 2.38 1.38
C ASP A 13 6.63 2.22 2.04
N GLY A 14 7.29 1.08 1.84
CA GLY A 14 8.57 0.85 2.49
C GLY A 14 9.62 1.86 2.09
N SER A 15 9.55 2.32 0.84
CA SER A 15 10.52 3.30 0.38
C SER A 15 10.27 4.66 1.03
N TYR A 16 9.00 5.06 1.15
CA TYR A 16 8.70 6.31 1.85
C TYR A 16 8.97 6.19 3.35
N LEU A 17 8.59 5.05 3.96
CA LEU A 17 8.82 4.90 5.40
C LEU A 17 10.31 4.95 5.72
N ALA A 18 11.15 4.32 4.89
CA ALA A 18 12.59 4.34 5.12
C ALA A 18 13.13 5.75 5.14
N GLU A 19 12.72 6.59 4.19
CA GLU A 19 13.12 8.00 4.19
C GLU A 19 12.69 8.67 5.49
N PHE A 20 11.46 8.41 5.93
CA PHE A 20 10.90 9.05 7.12
C PHE A 20 11.70 8.70 8.36
N LEU A 21 12.03 7.42 8.53
CA LEU A 21 12.76 6.99 9.72
C LEU A 21 14.23 7.44 9.67
N LEU A 22 14.85 7.39 8.49
CA LEU A 22 16.23 7.88 8.39
C LEU A 22 16.31 9.33 8.82
N GLU A 23 15.33 10.14 8.41
CA GLU A 23 15.34 11.55 8.79
C GLU A 23 15.16 11.72 10.28
N LYS A 24 14.49 10.78 10.95
CA LYS A 24 14.36 10.87 12.39
C LYS A 24 15.59 10.32 13.12
N GLY A 25 16.62 9.85 12.40
CA GLY A 25 17.82 9.35 13.04
C GLY A 25 17.78 7.88 13.41
N TYR A 26 16.84 7.12 12.88
CA TYR A 26 16.84 5.69 13.08
C TYR A 26 17.99 5.04 12.32
N MET A 27 18.48 3.93 12.87
CA MET A 27 19.17 2.94 12.06
C MET A 27 18.12 2.04 11.42
N VAL A 28 18.11 1.99 10.08
CA VAL A 28 17.03 1.36 9.35
C VAL A 28 17.58 0.13 8.60
N TYR A 29 17.04 -1.03 8.94
CA TYR A 29 17.27 -2.27 8.19
C TYR A 29 16.04 -2.59 7.35
N GLY A 30 16.29 -3.05 6.13
CA GLY A 30 15.22 -3.52 5.24
C GLY A 30 15.50 -4.93 4.79
N ILE A 31 14.45 -5.74 4.70
CA ILE A 31 14.58 -7.09 4.16
C ILE A 31 14.20 -7.04 2.69
N ILE A 32 15.11 -7.48 1.82
CA ILE A 32 14.81 -7.55 0.39
C ILE A 32 14.81 -9.00 -0.06
N ARG A 33 13.87 -9.30 -0.96
CA ARG A 33 13.89 -10.58 -1.65
C ARG A 33 15.07 -10.65 -2.60
N ARG A 34 15.62 -11.85 -2.76
CA ARG A 34 16.53 -12.07 -3.87
C ARG A 34 15.75 -11.94 -5.16
N SER A 35 16.30 -11.19 -6.12
CA SER A 35 15.72 -11.03 -7.44
C SER A 35 16.79 -11.35 -8.49
N SER A 36 16.37 -11.92 -9.61
CA SER A 36 17.32 -12.19 -10.68
C SER A 36 17.85 -10.91 -11.32
N SER A 37 17.20 -9.78 -11.09
CA SER A 37 17.72 -8.52 -11.63
C SER A 37 17.59 -7.45 -10.56
N PHE A 38 17.96 -6.23 -10.93
CA PHE A 38 17.78 -5.05 -10.09
C PHE A 38 16.35 -4.94 -9.60
N ASN A 39 16.16 -4.84 -8.27
CA ASN A 39 14.82 -4.67 -7.74
C ASN A 39 14.74 -3.66 -6.59
N THR A 40 15.74 -2.78 -6.46
CA THR A 40 15.78 -1.81 -5.37
C THR A 40 15.63 -0.38 -5.87
N GLY A 41 14.99 -0.18 -7.03
CA GLY A 41 14.91 1.15 -7.61
C GLY A 41 14.30 2.19 -6.69
N ARG A 42 13.32 1.80 -5.89
CA ARG A 42 12.65 2.79 -5.04
C ARG A 42 13.53 3.27 -3.89
N VAL A 43 14.53 2.50 -3.46
CA VAL A 43 15.39 2.92 -2.36
C VAL A 43 16.83 3.14 -2.79
N GLU A 44 17.12 3.08 -4.10
CA GLU A 44 18.51 3.18 -4.55
C GLU A 44 19.14 4.50 -4.15
N HIS A 45 18.35 5.58 -4.08
CA HIS A 45 18.90 6.87 -3.68
C HIS A 45 19.29 6.88 -2.21
N LEU A 46 18.77 5.95 -1.41
CA LEU A 46 19.14 5.88 -0.01
C LEU A 46 20.49 5.23 0.23
N TYR A 47 20.96 4.35 -0.68
CA TYR A 47 22.26 3.73 -0.52
C TYR A 47 23.26 4.14 -1.59
N LYS A 48 22.88 5.00 -2.53
CA LYS A 48 23.70 5.28 -3.71
C LYS A 48 25.14 5.60 -3.35
N ASP A 49 25.34 6.52 -2.40
CA ASP A 49 26.70 6.88 -2.02
C ASP A 49 26.90 6.62 -0.54
N ILE A 50 26.47 5.42 -0.10
CA ILE A 50 26.50 5.02 1.30
C ILE A 50 27.90 5.10 1.90
N HIS A 51 28.93 4.92 1.07
CA HIS A 51 30.29 4.96 1.57
C HIS A 51 30.71 6.37 1.99
N ILE A 52 30.06 7.40 1.47
CA ILE A 52 30.39 8.78 1.81
C ILE A 52 29.32 9.40 2.71
N THR A 53 28.05 9.10 2.47
CA THR A 53 26.98 9.66 3.29
C THR A 53 26.88 9.01 4.66
N LYS A 54 27.40 7.79 4.82
CA LYS A 54 27.42 7.09 6.10
C LYS A 54 26.01 6.90 6.66
N ALA A 55 25.01 6.81 5.78
CA ALA A 55 23.62 6.71 6.21
C ALA A 55 23.39 5.43 6.99
N LYS A 56 22.51 5.52 7.99
CA LYS A 56 22.22 4.40 8.88
C LYS A 56 21.17 3.50 8.23
N PHE A 57 21.59 2.85 7.14
CA PHE A 57 20.69 2.17 6.23
C PHE A 57 21.36 0.89 5.74
N LYS A 58 20.68 -0.24 5.85
CA LYS A 58 21.30 -1.51 5.51
C LYS A 58 20.23 -2.48 4.99
N LEU A 59 20.52 -3.13 3.86
CA LEU A 59 19.60 -4.08 3.26
C LEU A 59 20.10 -5.49 3.49
N LEU A 60 19.18 -6.42 3.72
CA LEU A 60 19.47 -7.81 4.05
C LEU A 60 18.56 -8.70 3.23
N TYR A 61 19.10 -9.83 2.76
CA TYR A 61 18.29 -10.81 2.04
C TYR A 61 17.37 -11.57 3.00
N GLY A 62 16.13 -11.76 2.60
CA GLY A 62 15.21 -12.60 3.35
C GLY A 62 13.93 -12.82 2.58
N ASP A 63 13.04 -13.60 3.19
CA ASP A 63 11.75 -13.88 2.58
C ASP A 63 10.75 -14.19 3.68
N LEU A 64 9.52 -13.70 3.52
CA LEU A 64 8.49 -13.96 4.53
C LEU A 64 8.00 -15.40 4.55
N THR A 65 8.43 -16.26 3.62
CA THR A 65 8.07 -17.67 3.68
C THR A 65 9.14 -18.53 4.35
N ASP A 66 10.25 -17.95 4.78
CA ASP A 66 11.39 -18.66 5.34
C ASP A 66 11.51 -18.25 6.82
N THR A 67 10.89 -19.05 7.69
CA THR A 67 10.81 -18.67 9.11
C THR A 67 12.19 -18.56 9.74
N GLY A 68 13.12 -19.47 9.40
CA GLY A 68 14.42 -19.44 10.01
C GLY A 68 15.24 -18.23 9.61
N ASN A 69 15.10 -17.79 8.37
CA ASN A 69 15.79 -16.58 7.93
C ASN A 69 15.29 -15.36 8.71
N LEU A 70 13.96 -15.28 8.92
CA LEU A 70 13.40 -14.15 9.66
C LEU A 70 13.93 -14.12 11.09
N ILE A 71 13.92 -15.27 11.76
CA ILE A 71 14.40 -15.35 13.13
C ILE A 71 15.89 -15.03 13.20
N SER A 72 16.65 -15.51 12.22
CA SER A 72 18.08 -15.22 12.20
C SER A 72 18.34 -13.71 12.09
N ILE A 73 17.56 -13.03 11.25
CA ILE A 73 17.75 -11.59 11.09
C ILE A 73 17.36 -10.85 12.37
N ILE A 74 16.19 -11.17 12.93
CA ILE A 74 15.69 -10.43 14.08
C ILE A 74 16.56 -10.70 15.31
N ALA A 75 17.03 -11.93 15.47
CA ALA A 75 17.88 -12.25 16.61
C ALA A 75 19.17 -11.44 16.59
N LYS A 76 19.68 -11.09 15.40
CA LYS A 76 20.94 -10.36 15.30
C LYS A 76 20.77 -8.85 15.42
N ILE A 77 19.69 -8.27 14.91
CA ILE A 77 19.58 -6.81 14.96
C ILE A 77 18.73 -6.32 16.12
N LYS A 78 17.88 -7.18 16.71
CA LYS A 78 17.09 -6.87 17.90
C LYS A 78 16.43 -5.50 17.76
N PRO A 79 15.51 -5.36 16.81
CA PRO A 79 15.01 -4.03 16.48
C PRO A 79 14.11 -3.47 17.55
N ASP A 80 14.04 -2.14 17.63
CA ASP A 80 13.04 -1.47 18.46
C ASP A 80 11.67 -1.48 17.80
N GLU A 81 11.64 -1.42 16.46
CA GLU A 81 10.37 -1.43 15.73
C GLU A 81 10.49 -2.30 14.50
N ILE A 82 9.50 -3.15 14.27
CA ILE A 82 9.37 -3.84 13.00
C ILE A 82 8.11 -3.34 12.32
N TYR A 83 8.24 -2.97 11.03
CA TYR A 83 7.08 -2.66 10.20
C TYR A 83 6.95 -3.75 9.14
N ASN A 84 5.93 -4.60 9.29
CA ASN A 84 5.69 -5.68 8.33
C ASN A 84 4.87 -5.12 7.18
N LEU A 85 5.56 -4.61 6.16
CA LEU A 85 4.92 -4.12 4.94
C LEU A 85 5.01 -5.12 3.79
N ALA A 86 5.77 -6.20 3.94
CA ALA A 86 5.95 -7.15 2.84
C ALA A 86 4.66 -7.89 2.55
N ALA A 87 4.28 -7.94 1.27
CA ALA A 87 3.11 -8.71 0.87
C ALA A 87 3.10 -8.89 -0.64
N GLN A 88 2.50 -10.00 -1.08
CA GLN A 88 1.87 -10.05 -2.39
C GLN A 88 0.66 -9.14 -2.29
N SER A 89 0.81 -7.87 -2.68
CA SER A 89 -0.16 -6.85 -2.26
C SER A 89 -1.30 -6.64 -3.24
N HIS A 90 -1.36 -7.41 -4.33
CA HIS A 90 -2.30 -7.14 -5.41
C HIS A 90 -3.54 -8.05 -5.28
N VAL A 91 -4.73 -7.42 -5.25
CA VAL A 91 -5.99 -8.15 -5.08
C VAL A 91 -6.24 -9.08 -6.26
N LYS A 92 -6.13 -8.55 -7.48
CA LYS A 92 -6.38 -9.35 -8.67
C LYS A 92 -5.44 -10.54 -8.75
N VAL A 93 -4.14 -10.31 -8.50
CA VAL A 93 -3.17 -11.40 -8.51
C VAL A 93 -3.52 -12.45 -7.45
N SER A 94 -4.17 -12.03 -6.34
CA SER A 94 -4.46 -13.00 -5.29
C SER A 94 -5.45 -14.06 -5.75
N PHE A 95 -6.30 -13.74 -6.75
CA PHE A 95 -7.18 -14.76 -7.31
C PHE A 95 -6.40 -15.79 -8.10
N GLU A 96 -5.26 -15.41 -8.67
CA GLU A 96 -4.44 -16.32 -9.45
C GLU A 96 -3.45 -17.12 -8.62
N MET A 97 -2.96 -16.59 -7.50
CA MET A 97 -2.11 -17.36 -6.59
C MET A 97 -2.60 -17.15 -5.15
N PRO A 98 -3.77 -17.69 -4.84
CA PRO A 98 -4.29 -17.56 -3.46
C PRO A 98 -3.41 -18.21 -2.41
N GLU A 99 -2.72 -19.31 -2.72
CA GLU A 99 -1.94 -20.00 -1.69
C GLU A 99 -0.67 -19.24 -1.35
N TYR A 100 0.11 -18.85 -2.36
CA TYR A 100 1.27 -18.00 -2.11
C TYR A 100 0.86 -16.74 -1.36
N THR A 101 -0.28 -16.15 -1.75
CA THR A 101 -0.75 -14.96 -1.06
C THR A 101 -1.02 -15.24 0.41
N ALA A 102 -1.65 -16.38 0.71
CA ALA A 102 -1.91 -16.72 2.10
C ALA A 102 -0.61 -16.94 2.86
N ASN A 103 0.34 -17.62 2.24
CA ASN A 103 1.59 -17.95 2.92
C ASN A 103 2.39 -16.69 3.22
N VAL A 104 2.43 -15.74 2.29
CA VAL A 104 3.15 -14.50 2.51
C VAL A 104 2.34 -13.55 3.38
N ASP A 105 1.10 -13.26 2.98
CA ASP A 105 0.36 -12.18 3.62
C ASP A 105 -0.35 -12.61 4.89
N GLY A 106 -0.40 -13.90 5.19
CA GLY A 106 -1.06 -14.40 6.37
C GLY A 106 -0.04 -14.98 7.33
N ILE A 107 0.58 -16.09 6.95
CA ILE A 107 1.50 -16.76 7.85
C ILE A 107 2.78 -15.96 8.04
N GLY A 108 3.24 -15.25 7.00
CA GLY A 108 4.41 -14.39 7.17
C GLY A 108 4.30 -13.45 8.36
N THR A 109 3.11 -12.90 8.59
CA THR A 109 2.90 -12.06 9.77
C THR A 109 3.17 -12.84 11.05
N LEU A 110 2.62 -14.04 11.14
CA LEU A 110 2.84 -14.88 12.32
C LEU A 110 4.32 -15.22 12.50
N ARG A 111 5.03 -15.55 11.42
CA ARG A 111 6.45 -15.87 11.52
C ARG A 111 7.23 -14.76 12.22
N LEU A 112 6.87 -13.50 11.93
CA LEU A 112 7.59 -12.38 12.52
C LEU A 112 7.23 -12.23 13.99
N LEU A 113 5.96 -12.40 14.32
CA LEU A 113 5.54 -12.35 15.72
C LEU A 113 6.22 -13.45 16.52
N GLU A 114 6.22 -14.67 15.99
CA GLU A 114 6.91 -15.77 16.66
C GLU A 114 8.40 -15.50 16.75
N ALA A 115 8.98 -14.82 15.76
CA ALA A 115 10.39 -14.47 15.85
C ALA A 115 10.64 -13.58 17.06
N ILE A 116 9.75 -12.62 17.31
CA ILE A 116 9.91 -11.75 18.47
C ILE A 116 9.89 -12.59 19.75
N ARG A 117 8.94 -13.51 19.86
CA ARG A 117 8.87 -14.35 21.05
C ARG A 117 10.08 -15.24 21.16
N ALA A 118 10.49 -15.88 20.05
CA ALA A 118 11.61 -16.79 20.12
C ALA A 118 12.89 -16.07 20.52
N CYS A 119 13.01 -14.79 20.19
CA CYS A 119 14.16 -14.00 20.61
C CYS A 119 13.97 -13.39 22.00
N GLY A 120 12.82 -13.61 22.63
CA GLY A 120 12.57 -12.97 23.91
C GLY A 120 12.55 -11.47 23.85
N LEU A 121 11.97 -10.92 22.78
CA LEU A 121 12.00 -9.47 22.58
C LEU A 121 10.65 -8.82 22.86
N GLU A 122 9.75 -9.51 23.56
CA GLU A 122 8.40 -8.99 23.77
C GLU A 122 8.41 -7.63 24.45
N LYS A 123 9.40 -7.37 25.31
CA LYS A 123 9.49 -6.08 25.98
C LYS A 123 10.34 -5.07 25.22
N LYS A 124 10.96 -5.47 24.12
CA LYS A 124 11.82 -4.59 23.35
C LYS A 124 11.18 -4.10 22.04
N THR A 125 10.61 -4.99 21.24
CA THR A 125 10.31 -4.67 19.85
C THR A 125 8.81 -4.44 19.68
N LYS A 126 8.45 -3.28 19.11
CA LYS A 126 7.09 -2.98 18.67
C LYS A 126 6.86 -3.48 17.26
N PHE A 127 5.62 -3.88 16.97
CA PHE A 127 5.28 -4.51 15.71
C PHE A 127 4.11 -3.79 15.05
N TYR A 128 4.35 -3.25 13.85
CA TYR A 128 3.30 -2.68 13.03
C TYR A 128 2.94 -3.67 11.92
N GLN A 129 1.64 -3.98 11.81
CA GLN A 129 1.16 -4.83 10.72
C GLN A 129 0.44 -3.97 9.70
N ALA A 130 0.78 -4.17 8.42
CA ALA A 130 0.14 -3.45 7.32
C ALA A 130 -1.23 -4.08 7.04
N SER A 131 -2.20 -3.72 7.87
CA SER A 131 -3.58 -4.08 7.55
C SER A 131 -4.16 -3.09 6.56
N THR A 132 -5.43 -3.24 6.23
CA THR A 132 -5.94 -2.64 5.00
C THR A 132 -7.45 -2.52 5.04
N SER A 133 -7.96 -1.50 4.33
CA SER A 133 -9.40 -1.34 4.22
C SER A 133 -10.05 -2.44 3.39
N GLU A 134 -9.27 -3.17 2.59
CA GLU A 134 -9.77 -4.36 1.91
C GLU A 134 -10.46 -5.32 2.86
N LEU A 135 -10.12 -5.30 4.16
CA LEU A 135 -10.79 -6.21 5.09
C LEU A 135 -12.29 -5.96 5.15
N TYR A 136 -12.73 -4.73 4.89
CA TYR A 136 -14.16 -4.43 4.97
C TYR A 136 -14.94 -4.97 3.78
N GLY A 137 -14.26 -5.13 2.63
CA GLY A 137 -14.80 -5.76 1.44
C GLY A 137 -16.20 -5.31 1.06
N LEU A 138 -17.17 -6.23 1.16
CA LEU A 138 -18.58 -5.90 1.05
C LEU A 138 -18.99 -5.13 2.30
N VAL A 139 -18.84 -3.79 2.27
CA VAL A 139 -18.84 -3.00 3.51
C VAL A 139 -20.11 -3.18 4.30
N GLN A 140 -19.97 -3.34 5.62
CA GLN A 140 -21.10 -3.56 6.49
C GLN A 140 -21.65 -2.26 7.09
N GLU A 141 -20.88 -1.17 7.03
CA GLU A 141 -21.34 0.19 7.34
C GLU A 141 -20.63 1.15 6.40
N VAL A 142 -21.15 2.38 6.34
CA VAL A 142 -20.54 3.48 5.58
C VAL A 142 -20.62 4.74 6.43
N PRO A 143 -19.50 5.44 6.71
CA PRO A 143 -18.12 5.04 6.37
C PRO A 143 -17.66 3.82 7.16
N GLN A 144 -16.46 3.30 6.90
CA GLN A 144 -15.92 2.19 7.69
C GLN A 144 -14.98 2.74 8.74
N LYS A 145 -14.98 2.11 9.92
CA LYS A 145 -14.21 2.57 11.06
C LYS A 145 -13.67 1.35 11.80
N GLU A 146 -12.96 1.60 12.91
CA GLU A 146 -12.26 0.53 13.59
C GLU A 146 -13.21 -0.55 14.09
N THR A 147 -14.48 -0.21 14.33
CA THR A 147 -15.47 -1.14 14.85
C THR A 147 -16.33 -1.76 13.75
N THR A 148 -16.11 -1.39 12.49
CA THR A 148 -16.89 -1.99 11.40
C THR A 148 -16.51 -3.45 11.22
N PRO A 149 -17.46 -4.37 11.27
CA PRO A 149 -17.15 -5.79 11.03
C PRO A 149 -16.61 -6.04 9.62
N PHE A 150 -15.73 -7.04 9.51
CA PHE A 150 -15.05 -7.33 8.24
C PHE A 150 -15.85 -8.29 7.36
N TYR A 151 -15.69 -8.12 6.05
CA TYR A 151 -16.32 -9.02 5.07
C TYR A 151 -15.40 -9.12 3.87
N PRO A 152 -14.35 -9.94 3.96
CA PRO A 152 -13.34 -9.99 2.89
C PRO A 152 -13.92 -10.54 1.61
N ARG A 153 -13.39 -10.04 0.47
CA ARG A 153 -13.92 -10.41 -0.84
C ARG A 153 -12.83 -10.85 -1.83
N SER A 154 -11.68 -11.28 -1.34
CA SER A 154 -10.63 -11.83 -2.20
C SER A 154 -9.73 -12.72 -1.36
N PRO A 155 -8.94 -13.59 -1.99
CA PRO A 155 -7.97 -14.37 -1.19
C PRO A 155 -6.92 -13.50 -0.51
N TYR A 156 -6.58 -12.36 -1.12
CA TYR A 156 -5.73 -11.37 -0.45
C TYR A 156 -6.37 -10.89 0.84
N ALA A 157 -7.65 -10.51 0.78
CA ALA A 157 -8.30 -9.93 1.95
C ALA A 157 -8.46 -10.98 3.04
N CYS A 158 -8.73 -12.22 2.65
CA CYS A 158 -8.78 -13.32 3.60
C CYS A 158 -7.44 -13.50 4.31
N ALA A 159 -6.34 -13.48 3.55
CA ALA A 159 -5.02 -13.62 4.15
C ALA A 159 -4.70 -12.46 5.07
N LYS A 160 -5.00 -11.23 4.62
CA LYS A 160 -4.80 -10.07 5.47
C LYS A 160 -5.68 -10.12 6.71
N LEU A 161 -6.82 -10.84 6.62
CA LEU A 161 -7.71 -10.94 7.78
C LEU A 161 -7.13 -11.86 8.83
N TYR A 162 -6.53 -12.99 8.41
CA TYR A 162 -5.73 -13.81 9.30
C TYR A 162 -4.69 -12.97 10.03
N SER A 163 -3.98 -12.11 9.28
CA SER A 163 -2.92 -11.31 9.88
C SER A 163 -3.47 -10.30 10.89
N TYR A 164 -4.59 -9.65 10.55
CA TYR A 164 -5.17 -8.72 11.52
C TYR A 164 -5.41 -9.41 12.84
N TRP A 165 -5.96 -10.62 12.80
CA TRP A 165 -6.40 -11.24 14.05
C TRP A 165 -5.26 -11.93 14.79
N ILE A 166 -4.28 -12.51 14.08
CA ILE A 166 -3.10 -13.07 14.76
C ILE A 166 -2.31 -11.96 15.44
N VAL A 167 -2.35 -10.74 14.89
CA VAL A 167 -1.72 -9.61 15.56
C VAL A 167 -2.47 -9.27 16.85
N VAL A 168 -3.80 -9.16 16.77
CA VAL A 168 -4.60 -8.91 17.96
C VAL A 168 -4.35 -9.97 19.01
N ASN A 169 -4.31 -11.24 18.59
CA ASN A 169 -4.17 -12.34 19.52
C ASN A 169 -2.83 -12.31 20.25
N TYR A 170 -1.73 -12.03 19.53
CA TYR A 170 -0.43 -11.95 20.19
C TYR A 170 -0.35 -10.74 21.10
N ARG A 171 -0.98 -9.63 20.71
CA ARG A 171 -1.08 -8.50 21.62
C ARG A 171 -1.77 -8.91 22.91
N GLU A 172 -2.91 -9.59 22.80
CA GLU A 172 -3.69 -9.94 23.99
C GLU A 172 -3.10 -11.12 24.74
N ALA A 173 -2.50 -12.08 24.05
CA ALA A 173 -1.98 -13.27 24.73
C ALA A 173 -0.67 -12.99 25.45
N TYR A 174 0.19 -12.18 24.87
CA TYR A 174 1.56 -12.07 25.35
C TYR A 174 1.93 -10.64 25.74
N ASN A 175 0.96 -9.74 25.78
CA ASN A 175 1.20 -8.36 26.15
C ASN A 175 2.29 -7.77 25.25
N MET A 176 2.26 -8.16 23.98
CA MET A 176 3.18 -7.58 23.02
C MET A 176 2.63 -6.29 22.46
N PHE A 177 3.55 -5.37 22.16
CA PHE A 177 3.18 -4.13 21.51
C PHE A 177 3.07 -4.44 20.01
N ALA A 178 1.88 -4.89 19.61
CA ALA A 178 1.60 -5.26 18.23
C ALA A 178 0.23 -4.74 17.84
N LEU A 179 0.15 -4.10 16.67
CA LEU A 179 -1.08 -3.45 16.28
C LEU A 179 -1.22 -3.47 14.76
N ASN A 180 -2.42 -3.09 14.32
CA ASN A 180 -2.84 -3.12 12.93
C ASN A 180 -3.07 -1.69 12.47
N GLY A 181 -2.32 -1.26 11.47
CA GLY A 181 -2.71 -0.05 10.77
C GLY A 181 -3.75 -0.43 9.72
N ILE A 182 -4.99 0.01 9.88
CA ILE A 182 -6.05 -0.30 8.89
C ILE A 182 -6.03 0.85 7.90
N LEU A 183 -5.13 0.77 6.92
CA LEU A 183 -4.93 1.87 5.99
C LEU A 183 -5.84 1.73 4.78
N PHE A 184 -6.49 2.82 4.41
CA PHE A 184 -7.23 2.82 3.16
C PHE A 184 -6.24 3.02 2.00
N ASN A 185 -6.76 2.94 0.77
CA ASN A 185 -5.90 2.93 -0.41
C ASN A 185 -5.03 4.18 -0.44
N HIS A 186 -3.74 4.01 -0.73
CA HIS A 186 -2.87 5.17 -0.86
C HIS A 186 -1.91 4.91 -2.02
N GLU A 187 -1.66 5.98 -2.79
CA GLU A 187 -0.97 5.92 -4.07
C GLU A 187 0.15 6.95 -4.06
N SER A 188 0.86 7.04 -5.19
CA SER A 188 2.01 7.93 -5.36
C SER A 188 2.61 7.61 -6.73
N ILE A 189 3.58 8.44 -7.15
CA ILE A 189 4.34 8.13 -8.35
C ILE A 189 5.10 6.80 -8.21
N ARG A 190 5.26 6.31 -6.97
CA ARG A 190 5.93 5.04 -6.70
C ARG A 190 4.98 3.85 -6.67
N ARG A 191 3.68 4.07 -6.88
CA ARG A 191 2.73 2.96 -6.88
C ARG A 191 3.11 1.95 -7.96
N GLY A 192 2.89 0.67 -7.66
CA GLY A 192 3.11 -0.38 -8.63
C GLY A 192 2.32 -0.14 -9.91
N PRO A 193 2.92 -0.49 -11.05
CA PRO A 193 2.32 -0.07 -12.33
C PRO A 193 1.00 -0.76 -12.67
N THR A 194 0.59 -1.82 -11.96
CA THR A 194 -0.66 -2.47 -12.33
C THR A 194 -1.81 -2.17 -11.37
N PHE A 195 -1.60 -1.31 -10.37
CA PHE A 195 -2.72 -0.74 -9.61
C PHE A 195 -3.40 0.32 -10.47
N VAL A 196 -4.71 0.50 -10.24
CA VAL A 196 -5.50 1.22 -11.22
C VAL A 196 -5.04 2.66 -11.37
N THR A 197 -4.70 3.32 -10.25
CA THR A 197 -4.29 4.73 -10.30
C THR A 197 -3.02 4.89 -11.10
N ARG A 198 -2.00 4.09 -10.80
CA ARG A 198 -0.73 4.22 -11.51
C ARG A 198 -0.88 3.79 -12.96
N LYS A 199 -1.67 2.74 -13.21
CA LYS A 199 -1.97 2.35 -14.58
C LYS A 199 -2.62 3.50 -15.34
N ILE A 200 -3.51 4.25 -14.70
CA ILE A 200 -4.14 5.37 -15.38
C ILE A 200 -3.09 6.45 -15.71
N THR A 201 -2.27 6.83 -14.73
CA THR A 201 -1.40 7.99 -14.97
C THR A 201 -0.27 7.66 -15.93
N MET A 202 0.29 6.42 -15.88
CA MET A 202 1.28 6.02 -16.87
C MET A 202 0.69 6.02 -18.26
N ALA A 203 -0.55 5.54 -18.41
CA ALA A 203 -1.18 5.50 -19.72
C ALA A 203 -1.47 6.91 -20.24
N VAL A 204 -1.96 7.80 -19.38
CA VAL A 204 -2.28 9.16 -19.80
C VAL A 204 -1.00 9.89 -20.21
N ALA A 205 0.09 9.70 -19.46
CA ALA A 205 1.37 10.28 -19.85
C ALA A 205 1.81 9.78 -21.21
N ARG A 206 1.70 8.47 -21.45
CA ARG A 206 2.08 7.93 -22.74
CA ARG A 206 2.07 7.92 -22.74
C ARG A 206 1.15 8.43 -23.85
N ILE A 207 -0.15 8.58 -23.53
CA ILE A 207 -1.07 9.09 -24.54
C ILE A 207 -0.73 10.54 -24.90
N LYS A 208 -0.39 11.36 -23.90
CA LYS A 208 0.01 12.74 -24.18
C LYS A 208 1.19 12.79 -25.14
N LEU A 209 2.20 11.94 -24.91
CA LEU A 209 3.39 11.94 -25.74
C LEU A 209 3.24 11.10 -26.99
N GLY A 210 2.04 10.59 -27.28
CA GLY A 210 1.85 9.79 -28.47
C GLY A 210 2.53 8.44 -28.47
N LEU A 211 2.74 7.83 -27.30
CA LEU A 211 3.37 6.53 -27.19
C LEU A 211 2.39 5.42 -26.80
N GLN A 212 1.10 5.73 -26.74
CA GLN A 212 0.06 4.74 -26.46
C GLN A 212 -1.24 5.27 -27.04
N ASP A 213 -2.07 4.35 -27.52
CA ASP A 213 -3.31 4.73 -28.20
C ASP A 213 -4.53 4.64 -27.29
N CYS A 214 -4.59 3.65 -26.40
CA CYS A 214 -5.82 3.37 -25.66
C CYS A 214 -5.47 2.77 -24.30
N LEU A 215 -6.33 3.03 -23.33
CA LEU A 215 -6.21 2.51 -21.98
C LEU A 215 -7.34 1.53 -21.74
N TYR A 216 -7.00 0.33 -21.27
CA TYR A 216 -7.96 -0.74 -21.04
C TYR A 216 -8.11 -0.92 -19.54
N LEU A 217 -9.33 -0.77 -19.04
CA LEU A 217 -9.62 -0.87 -17.61
C LEU A 217 -10.72 -1.91 -17.38
N GLY A 218 -11.00 -2.15 -16.10
CA GLY A 218 -12.11 -3.02 -15.76
C GLY A 218 -13.33 -2.23 -15.34
N ASN A 219 -13.64 -2.31 -14.06
CA ASN A 219 -14.82 -1.69 -13.46
C ASN A 219 -14.59 -0.19 -13.26
N LEU A 220 -15.26 0.63 -14.07
CA LEU A 220 -15.11 2.07 -13.95
C LEU A 220 -15.85 2.64 -12.74
N ASP A 221 -16.75 1.89 -12.14
CA ASP A 221 -17.63 2.43 -11.12
C ASP A 221 -17.18 2.13 -9.70
N ALA A 222 -16.12 1.35 -9.51
CA ALA A 222 -15.54 1.16 -8.19
C ALA A 222 -15.12 2.49 -7.57
N GLU A 223 -15.38 2.64 -6.28
CA GLU A 223 -15.10 3.89 -5.58
C GLU A 223 -14.15 3.60 -4.42
N ARG A 224 -13.15 4.46 -4.27
CA ARG A 224 -12.06 4.27 -3.32
C ARG A 224 -11.78 5.58 -2.59
N ASP A 225 -11.53 5.45 -1.29
CA ASP A 225 -10.87 6.49 -0.50
C ASP A 225 -9.37 6.42 -0.82
N TRP A 226 -8.83 7.50 -1.40
CA TRP A 226 -7.48 7.50 -1.99
C TRP A 226 -6.64 8.62 -1.39
N GLY A 227 -5.58 8.26 -0.67
CA GLY A 227 -4.63 9.22 -0.14
C GLY A 227 -3.25 9.05 -0.75
N HIS A 228 -2.32 9.89 -0.29
CA HIS A 228 -0.95 9.80 -0.75
C HIS A 228 -0.12 8.96 0.22
N ALA A 229 0.61 8.00 -0.32
CA ALA A 229 1.36 7.04 0.49
C ALA A 229 2.34 7.74 1.42
N LYS A 230 2.92 8.86 1.00
CA LYS A 230 3.87 9.57 1.84
C LYS A 230 3.21 10.09 3.12
N ASP A 231 1.96 10.56 3.02
CA ASP A 231 1.23 10.96 4.21
C ASP A 231 0.99 9.79 5.15
N TYR A 232 0.81 8.59 4.57
CA TYR A 232 0.28 7.48 5.36
C TYR A 232 1.37 6.78 6.14
N VAL A 233 2.62 6.81 5.65
CA VAL A 233 3.66 6.10 6.39
C VAL A 233 3.91 6.77 7.74
N GLU A 234 3.71 8.09 7.83
CA GLU A 234 3.90 8.76 9.12
C GLU A 234 2.88 8.28 10.15
N ALA A 235 1.67 7.98 9.71
CA ALA A 235 0.67 7.39 10.59
C ALA A 235 1.14 6.04 11.14
N MET A 236 1.79 5.23 10.31
CA MET A 236 2.37 3.99 10.80
C MET A 236 3.32 4.25 11.95
N TRP A 237 4.27 5.16 11.74
CA TRP A 237 5.23 5.48 12.79
C TRP A 237 4.51 6.02 14.03
N LEU A 238 3.46 6.83 13.83
CA LEU A 238 2.78 7.45 14.98
C LEU A 238 2.07 6.42 15.84
N MET A 239 1.52 5.37 15.23
CA MET A 239 0.91 4.30 16.01
C MET A 239 1.92 3.65 16.95
N LEU A 240 3.16 3.45 16.47
CA LEU A 240 4.18 2.82 17.30
C LEU A 240 4.69 3.75 18.41
N GLN A 241 4.51 5.07 18.29
CA GLN A 241 4.97 5.96 19.36
C GLN A 241 3.91 6.17 20.43
N GLN A 242 2.73 5.60 20.26
CA GLN A 242 1.72 5.67 21.30
C GLN A 242 2.13 4.83 22.50
N GLU A 243 1.59 5.20 23.66
CA GLU A 243 1.90 4.48 24.88
C GLU A 243 1.34 3.06 24.87
N GLN A 244 0.11 2.90 24.37
CA GLN A 244 -0.56 1.62 24.33
C GLN A 244 -0.81 1.19 22.89
N PRO A 245 -0.62 -0.09 22.56
CA PRO A 245 -0.88 -0.54 21.19
C PRO A 245 -2.37 -0.56 20.87
N ARG A 246 -2.73 -0.03 19.70
CA ARG A 246 -4.12 0.04 19.32
C ARG A 246 -4.23 0.10 17.79
N ASP A 247 -5.36 -0.40 17.27
CA ASP A 247 -5.56 -0.42 15.82
C ASP A 247 -6.25 0.86 15.35
N PHE A 248 -5.80 1.38 14.20
CA PHE A 248 -6.26 2.67 13.70
C PHE A 248 -6.55 2.59 12.22
N CYS A 249 -7.70 3.14 11.82
CA CYS A 249 -7.97 3.40 10.42
C CYS A 249 -7.25 4.67 9.97
N VAL A 250 -6.74 4.65 8.75
CA VAL A 250 -6.07 5.79 8.16
C VAL A 250 -6.66 6.02 6.78
N ALA A 251 -7.24 7.20 6.56
CA ALA A 251 -8.01 7.46 5.34
C ALA A 251 -8.18 8.95 5.14
N THR A 252 -8.75 9.31 3.98
CA THR A 252 -9.07 10.70 3.70
C THR A 252 -10.50 11.08 4.07
N GLY A 253 -11.40 10.12 4.26
CA GLY A 253 -12.76 10.50 4.57
C GLY A 253 -13.55 10.96 3.36
N GLU A 254 -13.04 10.73 2.15
CA GLU A 254 -13.78 10.97 0.93
C GLU A 254 -13.44 9.86 -0.04
N LYS A 255 -14.35 9.58 -0.96
CA LYS A 255 -14.13 8.55 -1.96
C LYS A 255 -14.38 9.13 -3.35
N HIS A 256 -13.75 8.50 -4.35
CA HIS A 256 -13.94 8.86 -5.75
C HIS A 256 -13.96 7.59 -6.60
N SER A 257 -14.63 7.67 -7.75
CA SER A 257 -14.73 6.53 -8.64
C SER A 257 -13.47 6.41 -9.51
N VAL A 258 -13.22 5.19 -10.00
CA VAL A 258 -12.20 4.96 -11.02
C VAL A 258 -12.46 5.88 -12.23
N ARG A 259 -13.73 5.98 -12.63
CA ARG A 259 -14.13 6.88 -13.70
C ARG A 259 -13.68 8.31 -13.43
N GLU A 260 -13.91 8.81 -12.21
CA GLU A 260 -13.49 10.17 -11.93
C GLU A 260 -11.97 10.28 -11.92
N PHE A 261 -11.28 9.25 -11.44
CA PHE A 261 -9.83 9.24 -11.56
C PHE A 261 -9.39 9.37 -13.02
N VAL A 262 -10.04 8.62 -13.91
CA VAL A 262 -9.72 8.72 -15.34
C VAL A 262 -9.91 10.14 -15.83
N GLU A 263 -11.08 10.73 -15.55
CA GLU A 263 -11.40 12.07 -15.99
C GLU A 263 -10.38 13.09 -15.50
N LYS A 264 -10.04 13.03 -14.21
CA LYS A 264 -9.11 13.99 -13.65
C LYS A 264 -7.71 13.82 -14.25
N ALA A 265 -7.29 12.57 -14.49
CA ALA A 265 -5.97 12.35 -15.08
C ALA A 265 -5.89 12.94 -16.48
N PHE A 266 -6.92 12.74 -17.29
CA PHE A 266 -6.92 13.32 -18.63
C PHE A 266 -7.02 14.84 -18.58
N ALA A 267 -7.71 15.40 -17.58
CA ALA A 267 -7.77 16.86 -17.48
C ALA A 267 -6.39 17.46 -17.20
N CYS A 268 -5.51 16.72 -16.50
CA CYS A 268 -4.18 17.23 -16.23
C CYS A 268 -3.33 17.38 -17.50
N ILE A 269 -3.69 16.71 -18.58
CA ILE A 269 -3.07 16.96 -19.87
C ILE A 269 -4.02 17.74 -20.80
N GLY A 270 -5.00 18.43 -20.22
CA GLY A 270 -5.86 19.30 -21.01
C GLY A 270 -6.82 18.57 -21.91
N GLN A 271 -7.29 17.38 -21.50
CA GLN A 271 -8.14 16.56 -22.34
C GLN A 271 -9.41 16.18 -21.58
N THR A 272 -10.51 16.12 -22.31
CA THR A 272 -11.83 15.84 -21.76
C THR A 272 -12.31 14.47 -22.20
N VAL A 273 -12.68 13.63 -21.25
CA VAL A 273 -13.21 12.30 -21.54
C VAL A 273 -14.73 12.39 -21.63
N GLU A 274 -15.29 11.91 -22.74
CA GLU A 274 -16.72 11.72 -22.89
C GLU A 274 -17.01 10.23 -22.92
N TRP A 275 -17.91 9.79 -22.05
CA TRP A 275 -18.24 8.38 -21.95
C TRP A 275 -19.36 8.07 -22.93
N LYS A 276 -19.19 6.97 -23.67
CA LYS A 276 -20.17 6.52 -24.64
C LYS A 276 -20.53 5.07 -24.35
N GLY A 277 -21.70 4.67 -24.85
CA GLY A 277 -22.18 3.32 -24.66
C GLY A 277 -22.90 3.14 -23.33
N GLU A 278 -23.67 2.06 -23.23
CA GLU A 278 -24.41 1.75 -22.02
C GLU A 278 -23.50 1.83 -20.80
N ARG A 279 -23.81 2.77 -19.91
CA ARG A 279 -22.93 3.09 -18.79
C ARG A 279 -22.85 1.90 -17.84
N GLY A 280 -21.63 1.52 -17.47
CA GLY A 280 -21.38 0.38 -16.60
C GLY A 280 -21.20 -0.95 -17.30
N THR A 281 -21.35 -1.01 -18.62
CA THR A 281 -21.22 -2.25 -19.39
C THR A 281 -19.86 -2.32 -20.07
N VAL A 282 -19.56 -3.51 -20.62
CA VAL A 282 -18.31 -3.70 -21.35
C VAL A 282 -18.31 -2.99 -22.69
N GLU A 283 -19.46 -2.45 -23.11
CA GLU A 283 -19.53 -1.63 -24.30
C GLU A 283 -19.21 -0.17 -24.01
N GLU A 284 -19.17 0.23 -22.74
CA GLU A 284 -18.82 1.60 -22.40
C GLU A 284 -17.38 1.89 -22.82
N HIS A 285 -17.14 3.12 -23.28
CA HIS A 285 -15.79 3.52 -23.64
C HIS A 285 -15.65 5.03 -23.52
N GLY A 286 -14.41 5.48 -23.40
CA GLY A 286 -14.10 6.89 -23.16
C GLY A 286 -13.48 7.51 -24.41
N VAL A 287 -14.08 8.62 -24.83
CA VAL A 287 -13.74 9.30 -26.08
C VAL A 287 -13.04 10.61 -25.73
N VAL A 288 -11.92 10.90 -26.42
CA VAL A 288 -11.23 12.19 -26.29
C VAL A 288 -11.09 12.76 -27.70
N ASP A 289 -11.79 13.88 -27.94
CA ASP A 289 -11.79 14.56 -29.23
C ASP A 289 -12.24 13.63 -30.37
N GLY A 290 -13.15 12.71 -30.07
CA GLY A 290 -13.67 11.79 -31.06
C GLY A 290 -12.97 10.44 -31.09
N VAL A 291 -11.78 10.32 -30.48
CA VAL A 291 -10.97 9.11 -30.57
C VAL A 291 -11.17 8.29 -29.30
N VAL A 292 -11.40 6.98 -29.48
CA VAL A 292 -11.56 6.11 -28.32
C VAL A 292 -10.23 6.04 -27.58
N ARG A 293 -10.22 6.46 -26.31
CA ARG A 293 -9.03 6.43 -25.49
C ARG A 293 -9.13 5.55 -24.26
N VAL A 294 -10.34 5.19 -23.84
CA VAL A 294 -10.54 4.28 -22.72
C VAL A 294 -11.51 3.20 -23.13
N ARG A 295 -11.17 1.94 -22.84
CA ARG A 295 -12.02 0.80 -23.13
C ARG A 295 -12.12 -0.10 -21.91
N VAL A 296 -13.17 -0.91 -21.88
CA VAL A 296 -13.44 -1.83 -20.79
C VAL A 296 -13.17 -3.24 -21.28
N ASP A 297 -12.30 -3.94 -20.56
CA ASP A 297 -11.95 -5.32 -20.86
C ASP A 297 -12.32 -6.16 -19.65
N PRO A 298 -13.17 -7.18 -19.79
CA PRO A 298 -13.58 -7.95 -18.62
C PRO A 298 -12.43 -8.67 -17.94
N ARG A 299 -11.27 -8.80 -18.59
CA ARG A 299 -10.13 -9.47 -17.97
C ARG A 299 -9.65 -8.73 -16.72
N TYR A 300 -9.96 -7.43 -16.57
CA TYR A 300 -9.54 -6.69 -15.40
C TYR A 300 -10.58 -6.69 -14.28
N PHE A 301 -11.74 -7.31 -14.49
CA PHE A 301 -12.71 -7.47 -13.42
C PHE A 301 -12.18 -8.43 -12.36
N ARG A 302 -12.71 -8.30 -11.15
CA ARG A 302 -12.48 -9.33 -10.15
C ARG A 302 -13.75 -10.16 -9.98
N PRO A 303 -13.63 -11.46 -9.67
CA PRO A 303 -14.85 -12.28 -9.51
C PRO A 303 -15.75 -11.78 -8.40
N THR A 304 -15.20 -11.29 -7.30
CA THR A 304 -15.98 -10.69 -6.22
C THR A 304 -15.42 -9.28 -6.01
N GLU A 305 -16.11 -8.29 -6.57
CA GLU A 305 -15.62 -6.91 -6.53
C GLU A 305 -15.91 -6.28 -5.17
N VAL A 306 -15.08 -5.31 -4.80
CA VAL A 306 -15.30 -4.44 -3.66
C VAL A 306 -15.76 -3.11 -4.25
N ASP A 307 -17.05 -2.79 -4.09
CA ASP A 307 -17.64 -1.72 -4.87
C ASP A 307 -17.24 -0.34 -4.37
N GLN A 308 -17.07 -0.18 -3.05
CA GLN A 308 -16.90 1.16 -2.52
C GLN A 308 -16.29 1.08 -1.13
N LEU A 309 -15.25 1.90 -0.90
CA LEU A 309 -14.59 2.03 0.38
C LEU A 309 -14.54 3.50 0.77
N LEU A 310 -14.82 3.80 2.04
CA LEU A 310 -14.88 5.17 2.54
C LEU A 310 -14.46 5.12 4.00
N GLY A 311 -13.30 5.70 4.31
CA GLY A 311 -12.76 5.61 5.67
C GLY A 311 -13.20 6.74 6.58
N ASP A 312 -13.39 6.40 7.85
CA ASP A 312 -13.59 7.39 8.89
C ASP A 312 -12.31 7.46 9.73
N PRO A 313 -11.43 8.44 9.50
CA PRO A 313 -10.17 8.49 10.25
C PRO A 313 -10.25 9.33 11.53
N THR A 314 -11.46 9.48 12.08
CA THR A 314 -11.63 10.32 13.28
C THR A 314 -10.71 9.88 14.41
N LEU A 315 -10.60 8.57 14.66
CA LEU A 315 -9.78 8.10 15.77
C LEU A 315 -8.31 8.47 15.56
N ALA A 316 -7.80 8.30 14.34
CA ALA A 316 -6.40 8.60 14.07
C ALA A 316 -6.12 10.09 14.22
N GLU A 317 -7.02 10.94 13.72
CA GLU A 317 -6.84 12.37 13.86
C GLU A 317 -6.78 12.77 15.33
N THR A 318 -7.68 12.24 16.14
CA THR A 318 -7.74 12.74 17.51
C THR A 318 -6.72 12.06 18.42
N VAL A 319 -6.42 10.78 18.24
CA VAL A 319 -5.45 10.13 19.13
C VAL A 319 -4.02 10.31 18.64
N LEU A 320 -3.77 10.20 17.32
CA LEU A 320 -2.41 10.35 16.83
C LEU A 320 -2.07 11.76 16.41
N GLY A 321 -3.07 12.61 16.16
CA GLY A 321 -2.82 13.91 15.57
C GLY A 321 -2.57 13.83 14.08
N TRP A 322 -2.96 12.74 13.42
CA TRP A 322 -2.68 12.55 12.00
C TRP A 322 -3.81 13.09 11.14
N LYS A 323 -3.46 13.74 10.04
CA LYS A 323 -4.46 14.05 9.02
C LYS A 323 -3.78 14.08 7.65
N ARG A 324 -4.49 13.58 6.63
CA ARG A 324 -3.98 13.65 5.26
C ARG A 324 -3.59 15.08 4.91
N LYS A 325 -2.53 15.23 4.13
CA LYS A 325 -2.13 16.54 3.59
C LYS A 325 -2.45 16.67 2.12
N VAL A 326 -2.11 15.65 1.33
CA VAL A 326 -2.29 15.66 -0.12
C VAL A 326 -3.76 15.45 -0.44
N SER A 327 -4.36 16.42 -1.13
CA SER A 327 -5.73 16.31 -1.60
C SER A 327 -5.81 15.33 -2.79
N PHE A 328 -7.05 14.93 -3.11
CA PHE A 328 -7.25 14.05 -4.25
C PHE A 328 -6.82 14.72 -5.56
N GLU A 329 -7.22 15.98 -5.74
CA GLU A 329 -6.73 16.78 -6.86
C GLU A 329 -5.20 16.73 -6.94
N GLU A 330 -4.53 17.03 -5.83
CA GLU A 330 -3.06 17.03 -5.83
C GLU A 330 -2.49 15.64 -6.10
N LEU A 331 -3.15 14.60 -5.58
CA LEU A 331 -2.65 13.24 -5.79
C LEU A 331 -2.62 12.90 -7.28
N VAL A 332 -3.75 13.12 -7.97
CA VAL A 332 -3.83 12.83 -9.40
C VAL A 332 -2.82 13.66 -10.18
N ARG A 333 -2.80 14.97 -9.94
CA ARG A 333 -1.90 15.84 -10.70
C ARG A 333 -0.44 15.46 -10.46
N GLY A 334 -0.08 15.14 -9.22
CA GLY A 334 1.30 14.78 -8.92
C GLY A 334 1.72 13.51 -9.65
N MET A 335 0.80 12.55 -9.77
CA MET A 335 1.12 11.30 -10.46
C MET A 335 1.23 11.48 -11.96
N VAL A 336 0.32 12.26 -12.57
CA VAL A 336 0.37 12.49 -14.01
C VAL A 336 1.64 13.25 -14.38
N GLU A 337 1.96 14.29 -13.62
CA GLU A 337 3.18 15.04 -13.89
C GLU A 337 4.43 14.19 -13.64
N GLY A 338 4.42 13.39 -12.55
CA GLY A 338 5.54 12.51 -12.31
C GLY A 338 5.78 11.55 -13.45
N ASP A 339 4.71 10.97 -13.98
CA ASP A 339 4.82 9.98 -15.04
C ASP A 339 5.22 10.60 -16.39
N ILE A 340 4.82 11.86 -16.64
CA ILE A 340 5.32 12.55 -17.82
C ILE A 340 6.81 12.83 -17.66
N GLU A 341 7.21 13.35 -16.49
CA GLU A 341 8.62 13.63 -16.26
C GLU A 341 9.47 12.37 -16.41
N LEU A 342 8.94 11.22 -15.96
CA LEU A 342 9.67 9.96 -16.10
C LEU A 342 9.88 9.58 -17.57
N LEU A 343 8.86 9.79 -18.40
CA LEU A 343 9.01 9.51 -19.83
C LEU A 343 10.04 10.44 -20.47
N GLN A 344 10.03 11.72 -20.10
CA GLN A 344 10.97 12.66 -20.70
C GLN A 344 12.36 12.60 -20.06
N SER A 345 12.53 11.84 -18.98
CA SER A 345 13.82 11.71 -18.34
C SER A 345 14.76 10.85 -19.18
#